data_6A46
#
_entry.id   6A46
#
_cell.length_a   43.808
_cell.length_b   54.773
_cell.length_c   88.716
_cell.angle_alpha   90.00
_cell.angle_beta   100.76
_cell.angle_gamma   90.00
#
_symmetry.space_group_name_H-M   'P 1 21 1'
#
loop_
_entity.id
_entity.type
_entity.pdbx_description
1 polymer 'Three prime repair exonuclease 2'
2 non-polymer 'MAGNESIUM ION'
3 non-polymer "2'-DEOXYCYTIDINE-5'-MONOPHOSPHATE"
4 non-polymer 'CALCIUM ION'
5 water water
#
_entity_poly.entity_id   1
_entity_poly.type   'polypeptide(L)'
_entity_poly.pdbx_seq_one_letter_code
;MGSSHHHHHHSSGLVPRGSHMSEPPRAETFVFLDLEATGLPNMDPEIAEISLFAVHRSSLENPERDDSGSLVLPRVLDKL
TLCMCPERPFTAKASEITGLSSESLMHCGKAGFNGAVVRTLQGFLSRQEGPICLVAHNGFDYDFPLLCTELQRLGAHLPQ
DTVCLDTLPALRGLDRAHSHGTRAQGRKSYSLASLFHRYFQAEPSAAHSAEGDVHTLLLIFLHRAPELLAWADEQARSWA
HIEPMYVPPDGPSLEA
;
_entity_poly.pdbx_strand_id   A,B
#
# COMPACT_ATOMS: atom_id res chain seq x y z
N GLU A 23 -14.98 27.81 5.18
CA GLU A 23 -14.51 27.69 6.55
C GLU A 23 -13.31 26.73 6.64
N PRO A 24 -13.45 25.52 6.07
CA PRO A 24 -12.35 24.56 6.17
C PRO A 24 -11.14 24.96 5.33
N PRO A 25 -9.95 24.47 5.68
CA PRO A 25 -8.76 24.77 4.87
C PRO A 25 -8.77 24.04 3.53
N ARG A 26 -8.13 24.63 2.53
CA ARG A 26 -8.00 24.00 1.22
C ARG A 26 -7.02 22.84 1.30
N ALA A 27 -7.52 21.62 1.18
CA ALA A 27 -6.68 20.43 1.29
C ALA A 27 -5.84 20.24 0.04
N GLU A 28 -4.59 19.81 0.23
CA GLU A 28 -3.67 19.59 -0.88
C GLU A 28 -3.55 18.10 -1.20
N THR A 29 -3.75 17.26 -0.19
CA THR A 29 -3.72 15.82 -0.38
C THR A 29 -5.00 15.18 0.15
N PHE A 30 -5.62 14.37 -0.71
CA PHE A 30 -6.80 13.61 -0.33
C PHE A 30 -6.39 12.17 -0.07
N VAL A 31 -6.49 11.75 1.19
CA VAL A 31 -6.15 10.39 1.58
C VAL A 31 -7.42 9.56 1.69
N PHE A 32 -7.65 8.75 0.67
CA PHE A 32 -8.79 7.85 0.64
C PHE A 32 -8.50 6.66 1.53
N LEU A 33 -9.41 6.34 2.44
CA LEU A 33 -9.19 5.25 3.37
C LEU A 33 -10.41 4.37 3.53
N ASP A 34 -10.14 3.12 3.89
CA ASP A 34 -11.18 2.14 4.12
C ASP A 34 -10.75 1.24 5.26
N LEU A 35 -11.70 0.86 6.10
CA LEU A 35 -11.44 -0.05 7.20
C LEU A 35 -12.23 -1.33 7.04
N GLU A 36 -11.61 -2.45 7.38
CA GLU A 36 -12.33 -3.68 7.63
C GLU A 36 -12.23 -3.94 9.13
N ALA A 37 -13.32 -4.39 9.72
CA ALA A 37 -13.37 -4.59 11.16
C ALA A 37 -14.24 -5.79 11.51
N THR A 38 -14.38 -6.04 12.80
CA THR A 38 -15.00 -7.27 13.29
C THR A 38 -16.52 -7.24 13.30
N GLY A 39 -17.10 -6.07 13.07
CA GLY A 39 -18.55 -5.96 13.04
C GLY A 39 -19.05 -4.53 12.91
N LEU A 40 -20.35 -4.36 13.18
CA LEU A 40 -21.00 -3.05 13.09
C LEU A 40 -20.87 -2.30 14.42
N PRO A 41 -21.10 -0.98 14.42
CA PRO A 41 -20.75 -0.10 15.55
C PRO A 41 -21.21 -0.57 16.93
N ASN A 42 -22.40 -1.16 17.03
CA ASN A 42 -22.97 -1.49 18.35
C ASN A 42 -22.29 -2.68 19.03
N MET A 43 -21.43 -3.40 18.31
CA MET A 43 -20.69 -4.51 18.90
C MET A 43 -19.31 -4.04 19.34
N ASP A 44 -19.02 -2.76 19.14
CA ASP A 44 -17.71 -2.18 19.47
C ASP A 44 -16.62 -2.90 18.68
N PRO A 45 -16.65 -2.77 17.34
CA PRO A 45 -15.73 -3.48 16.46
C PRO A 45 -14.29 -3.01 16.58
N GLU A 46 -13.36 -3.82 16.07
CA GLU A 46 -11.95 -3.46 16.05
C GLU A 46 -11.41 -3.54 14.63
N ILE A 47 -10.51 -2.63 14.29
CA ILE A 47 -9.92 -2.61 12.96
C ILE A 47 -9.08 -3.86 12.75
N ALA A 48 -9.34 -4.57 11.66
CA ALA A 48 -8.58 -5.74 11.28
C ALA A 48 -7.74 -5.45 10.05
N GLU A 49 -8.17 -4.46 9.28
CA GLU A 49 -7.45 -4.05 8.08
C GLU A 49 -7.70 -2.58 7.80
N ILE A 50 -6.65 -1.88 7.39
CA ILE A 50 -6.77 -0.50 6.96
C ILE A 50 -6.00 -0.33 5.66
N SER A 51 -6.53 0.47 4.75
CA SER A 51 -5.86 0.79 3.52
C SER A 51 -6.00 2.28 3.24
N LEU A 52 -4.92 2.92 2.81
CA LEU A 52 -4.93 4.34 2.49
C LEU A 52 -4.28 4.60 1.14
N PHE A 53 -5.01 5.29 0.27
CA PHE A 53 -4.46 5.83 -0.98
C PHE A 53 -4.33 7.35 -0.84
N ALA A 54 -3.11 7.87 -0.98
CA ALA A 54 -2.90 9.31 -0.91
C ALA A 54 -2.81 9.89 -2.31
N VAL A 55 -3.69 10.84 -2.61
CA VAL A 55 -3.76 11.46 -3.93
C VAL A 55 -3.63 12.97 -3.81
N HIS A 56 -2.68 13.55 -4.53
CA HIS A 56 -2.51 14.99 -4.53
C HIS A 56 -3.66 15.64 -5.29
N ARG A 57 -4.08 16.81 -4.81
CA ARG A 57 -5.23 17.53 -5.35
C ARG A 57 -5.14 17.70 -6.87
N SER A 58 -3.93 17.93 -7.37
CA SER A 58 -3.73 18.19 -8.79
C SER A 58 -4.16 17.00 -9.64
N SER A 59 -4.03 15.80 -9.09
CA SER A 59 -4.44 14.58 -9.80
C SER A 59 -5.96 14.47 -9.84
N LEU A 60 -6.62 15.19 -8.95
CA LEU A 60 -8.07 15.16 -8.85
C LEU A 60 -8.71 16.31 -9.62
N GLU A 61 -8.01 17.45 -9.68
CA GLU A 61 -8.50 18.61 -10.40
C GLU A 61 -8.58 18.32 -11.90
N ASN A 62 -7.56 17.63 -12.40
CA ASN A 62 -7.52 17.20 -13.79
C ASN A 62 -7.30 15.70 -13.89
N PRO A 63 -8.38 14.91 -13.71
CA PRO A 63 -8.28 13.45 -13.74
C PRO A 63 -7.67 12.95 -15.05
N GLU A 64 -6.49 12.35 -14.98
CA GLU A 64 -5.82 11.85 -16.16
C GLU A 64 -6.57 10.66 -16.74
N ARG A 65 -6.65 10.61 -18.06
CA ARG A 65 -7.38 9.55 -18.76
C ARG A 65 -6.56 9.05 -19.93
N ASP A 66 -6.56 7.73 -20.13
CA ASP A 66 -5.85 7.13 -21.25
C ASP A 66 -6.48 7.57 -22.57
N ASP A 67 -5.85 7.20 -23.68
CA ASP A 67 -6.33 7.59 -25.00
C ASP A 67 -7.71 7.03 -25.31
N SER A 68 -8.13 6.03 -24.53
CA SER A 68 -9.47 5.47 -24.66
C SER A 68 -10.49 6.35 -23.95
N GLY A 69 -10.00 7.33 -23.19
CA GLY A 69 -10.87 8.29 -22.53
C GLY A 69 -11.35 7.85 -21.15
N SER A 70 -11.04 6.61 -20.78
CA SER A 70 -11.46 6.08 -19.48
C SER A 70 -10.52 6.50 -18.37
N LEU A 71 -11.05 6.59 -17.15
CA LEU A 71 -10.27 7.02 -16.00
C LEU A 71 -9.19 6.01 -15.64
N VAL A 72 -8.01 6.52 -15.29
CA VAL A 72 -6.93 5.70 -14.76
C VAL A 72 -6.47 6.31 -13.45
N LEU A 73 -5.99 5.47 -12.54
CA LEU A 73 -5.51 5.98 -11.26
C LEU A 73 -4.27 6.83 -11.46
N PRO A 74 -4.10 7.88 -10.64
CA PRO A 74 -2.91 8.74 -10.75
C PRO A 74 -1.61 7.94 -10.65
N ARG A 75 -0.60 8.35 -11.41
CA ARG A 75 0.68 7.66 -11.39
C ARG A 75 1.35 7.82 -10.02
N VAL A 76 1.42 9.06 -9.54
CA VAL A 76 1.96 9.33 -8.22
C VAL A 76 0.91 9.01 -7.18
N LEU A 77 0.98 7.80 -6.62
CA LEU A 77 -0.05 7.30 -5.72
C LEU A 77 0.56 6.51 -4.57
N ASP A 78 0.75 7.19 -3.44
CA ASP A 78 1.22 6.51 -2.24
C ASP A 78 0.12 5.61 -1.69
N LYS A 79 0.52 4.42 -1.25
CA LYS A 79 -0.42 3.44 -0.70
C LYS A 79 0.12 2.83 0.58
N LEU A 80 -0.80 2.49 1.48
CA LEU A 80 -0.45 1.78 2.70
C LEU A 80 -1.60 0.86 3.07
N THR A 81 -1.32 -0.44 3.12
CA THR A 81 -2.30 -1.43 3.55
C THR A 81 -1.71 -2.27 4.67
N LEU A 82 -2.44 -2.39 5.77
CA LEU A 82 -1.97 -3.14 6.94
C LEU A 82 -3.07 -4.00 7.53
N CYS A 83 -2.74 -5.26 7.77
CA CYS A 83 -3.64 -6.17 8.47
C CYS A 83 -3.22 -6.29 9.92
N MET A 84 -4.19 -6.51 10.80
CA MET A 84 -3.91 -6.64 12.21
C MET A 84 -4.96 -7.52 12.88
N CYS A 85 -4.51 -8.30 13.86
CA CYS A 85 -5.41 -9.20 14.58
C CYS A 85 -6.10 -8.45 15.71
N PRO A 86 -7.44 -8.31 15.64
CA PRO A 86 -8.12 -7.59 16.71
C PRO A 86 -8.10 -8.36 18.03
N GLU A 87 -8.26 -7.65 19.14
CA GLU A 87 -8.27 -8.29 20.46
C GLU A 87 -9.48 -9.21 20.60
N ARG A 88 -10.60 -8.78 20.02
CA ARG A 88 -11.82 -9.58 19.98
C ARG A 88 -12.06 -10.09 18.56
N PRO A 89 -12.65 -11.29 18.42
CA PRO A 89 -12.76 -11.89 17.09
C PRO A 89 -13.89 -11.34 16.23
N PHE A 90 -13.92 -11.76 14.98
CA PHE A 90 -14.92 -11.31 14.02
C PHE A 90 -16.29 -11.88 14.33
N THR A 91 -17.33 -11.19 13.86
CA THR A 91 -18.67 -11.76 13.81
C THR A 91 -18.73 -12.68 12.60
N ALA A 92 -19.70 -13.58 12.58
CA ALA A 92 -19.87 -14.51 11.48
C ALA A 92 -19.92 -13.76 10.16
N LYS A 93 -20.75 -12.71 10.12
CA LYS A 93 -20.94 -11.92 8.91
C LYS A 93 -19.65 -11.19 8.50
N ALA A 94 -19.04 -10.50 9.45
CA ALA A 94 -17.87 -9.69 9.17
C ALA A 94 -16.73 -10.53 8.59
N SER A 95 -16.52 -11.70 9.18
CA SER A 95 -15.46 -12.60 8.72
C SER A 95 -15.77 -13.12 7.31
N GLU A 96 -17.03 -13.49 7.09
CA GLU A 96 -17.45 -13.99 5.79
C GLU A 96 -17.32 -12.92 4.72
N ILE A 97 -17.71 -11.70 5.07
CA ILE A 97 -17.61 -10.58 4.16
C ILE A 97 -16.16 -10.28 3.76
N THR A 98 -15.32 -10.03 4.76
CA THR A 98 -13.95 -9.58 4.53
C THR A 98 -13.02 -10.70 4.08
N GLY A 99 -13.41 -11.94 4.34
CA GLY A 99 -12.53 -13.07 4.06
C GLY A 99 -11.37 -13.10 5.03
N LEU A 100 -11.52 -12.39 6.15
CA LEU A 100 -10.52 -12.37 7.20
C LEU A 100 -11.03 -13.09 8.45
N SER A 101 -10.09 -13.54 9.28
CA SER A 101 -10.43 -14.15 10.56
C SER A 101 -9.28 -13.94 11.53
N SER A 102 -9.58 -14.05 12.83
CA SER A 102 -8.55 -13.89 13.85
C SER A 102 -7.45 -14.92 13.66
N GLU A 103 -7.84 -16.16 13.36
CA GLU A 103 -6.89 -17.25 13.22
C GLU A 103 -5.99 -17.04 11.99
N SER A 104 -6.56 -16.52 10.92
CA SER A 104 -5.81 -16.31 9.69
C SER A 104 -4.82 -15.16 9.87
N LEU A 105 -5.24 -14.12 10.58
CA LEU A 105 -4.36 -13.00 10.88
C LEU A 105 -3.25 -13.43 11.83
N MET A 106 -3.58 -14.31 12.76
CA MET A 106 -2.60 -14.87 13.68
C MET A 106 -1.60 -15.75 12.94
N HIS A 107 -2.11 -16.58 12.03
CA HIS A 107 -1.27 -17.47 11.24
C HIS A 107 -0.25 -16.69 10.43
N CYS A 108 -0.63 -15.50 10.01
CA CYS A 108 0.27 -14.64 9.23
C CYS A 108 1.03 -13.70 10.15
N GLY A 109 1.01 -13.99 11.45
CA GLY A 109 1.83 -13.29 12.42
C GLY A 109 1.59 -11.80 12.52
N LYS A 110 0.32 -11.40 12.50
CA LYS A 110 -0.04 -9.99 12.63
C LYS A 110 -0.51 -9.67 14.05
N ALA A 111 0.14 -8.70 14.67
CA ALA A 111 -0.29 -8.21 15.98
C ALA A 111 -1.50 -7.29 15.79
N GLY A 112 -2.01 -6.77 16.89
CA GLY A 112 -3.17 -5.90 16.84
C GLY A 112 -2.82 -4.46 16.53
N PHE A 113 -3.82 -3.59 16.54
CA PHE A 113 -3.61 -2.16 16.34
C PHE A 113 -2.72 -1.62 17.45
N ASN A 114 -1.44 -1.44 17.15
CA ASN A 114 -0.46 -1.07 18.16
C ASN A 114 0.41 0.11 17.72
N GLY A 115 1.47 0.37 18.48
CA GLY A 115 2.37 1.47 18.21
C GLY A 115 2.97 1.40 16.81
N ALA A 116 3.28 0.20 16.34
CA ALA A 116 3.86 0.01 15.02
C ALA A 116 2.90 0.48 13.94
N VAL A 117 1.61 0.29 14.16
CA VAL A 117 0.60 0.75 13.22
C VAL A 117 0.59 2.28 13.18
N VAL A 118 0.70 2.88 14.36
CA VAL A 118 0.68 4.34 14.48
C VAL A 118 1.91 4.95 13.81
N ARG A 119 3.09 4.38 14.07
CA ARG A 119 4.32 4.88 13.48
C ARG A 119 4.24 4.84 11.96
N THR A 120 3.71 3.73 11.43
CA THR A 120 3.58 3.56 9.99
C THR A 120 2.56 4.55 9.42
N LEU A 121 1.42 4.64 10.08
CA LEU A 121 0.36 5.53 9.66
C LEU A 121 0.79 6.98 9.71
N GLN A 122 1.37 7.39 10.83
CA GLN A 122 1.78 8.78 11.01
C GLN A 122 2.90 9.17 10.05
N GLY A 123 3.82 8.24 9.80
CA GLY A 123 4.87 8.47 8.83
C GLY A 123 4.30 8.64 7.44
N PHE A 124 3.33 7.79 7.11
CA PHE A 124 2.68 7.82 5.80
C PHE A 124 2.00 9.17 5.58
N LEU A 125 1.29 9.64 6.59
CA LEU A 125 0.58 10.91 6.50
C LEU A 125 1.55 12.09 6.45
N SER A 126 2.70 11.95 7.11
CA SER A 126 3.69 13.02 7.13
C SER A 126 4.35 13.18 5.77
N ARG A 127 4.30 12.12 4.96
CA ARG A 127 4.82 12.16 3.59
C ARG A 127 3.90 12.94 2.66
N GLN A 128 2.70 13.26 3.14
CA GLN A 128 1.70 13.95 2.34
C GLN A 128 1.74 15.46 2.56
N GLU A 129 1.65 16.21 1.47
CA GLU A 129 1.54 17.65 1.56
C GLU A 129 0.19 18.03 2.14
N GLY A 130 0.21 18.78 3.24
CA GLY A 130 -1.02 19.17 3.91
C GLY A 130 -1.59 20.48 3.40
N PRO A 131 -2.79 20.84 3.85
CA PRO A 131 -3.65 20.08 4.76
C PRO A 131 -4.18 18.80 4.12
N ILE A 132 -4.46 17.80 4.94
CA ILE A 132 -4.94 16.51 4.47
C ILE A 132 -6.45 16.41 4.64
N CYS A 133 -7.12 15.88 3.62
CA CYS A 133 -8.54 15.56 3.70
C CYS A 133 -8.75 14.06 3.63
N LEU A 134 -9.15 13.46 4.75
CA LEU A 134 -9.48 12.05 4.78
C LEU A 134 -10.81 11.81 4.07
N VAL A 135 -10.83 10.81 3.19
CA VAL A 135 -12.04 10.46 2.46
C VAL A 135 -12.41 9.00 2.71
N ALA A 136 -13.66 8.77 3.12
CA ALA A 136 -14.14 7.41 3.38
C ALA A 136 -15.65 7.34 3.12
N HIS A 137 -16.07 6.23 2.53
CA HIS A 137 -17.49 6.04 2.24
C HIS A 137 -18.20 5.58 3.50
N ASN A 138 -19.23 6.34 3.90
CA ASN A 138 -19.90 6.16 5.17
C ASN A 138 -18.93 6.43 6.32
N GLY A 139 -17.99 7.35 6.07
CA GLY A 139 -16.98 7.70 7.04
C GLY A 139 -17.51 8.31 8.32
N PHE A 140 -18.55 9.13 8.23
CA PHE A 140 -19.09 9.80 9.41
C PHE A 140 -19.70 8.79 10.37
N ASP A 141 -20.33 7.75 9.84
CA ASP A 141 -21.04 6.78 10.66
C ASP A 141 -20.17 5.60 11.11
N TYR A 142 -19.05 5.37 10.43
CA TYR A 142 -18.26 4.16 10.69
C TYR A 142 -16.75 4.38 10.74
N ASP A 143 -16.13 4.64 9.61
CA ASP A 143 -14.68 4.65 9.51
C ASP A 143 -14.02 5.69 10.41
N PHE A 144 -14.51 6.92 10.40
CA PHE A 144 -13.85 7.98 11.14
C PHE A 144 -14.02 7.80 12.66
N PRO A 145 -15.25 7.50 13.12
CA PRO A 145 -15.38 7.23 14.56
C PRO A 145 -14.57 6.03 15.03
N LEU A 146 -14.51 4.98 14.20
CA LEU A 146 -13.78 3.78 14.57
C LEU A 146 -12.28 4.02 14.61
N LEU A 147 -11.77 4.73 13.60
CA LEU A 147 -10.36 5.07 13.56
C LEU A 147 -10.02 5.98 14.74
N CYS A 148 -10.94 6.87 15.09
CA CYS A 148 -10.74 7.78 16.21
C CYS A 148 -10.63 7.01 17.51
N THR A 149 -11.45 5.97 17.66
CA THR A 149 -11.44 5.15 18.86
C THR A 149 -10.08 4.46 19.02
N GLU A 150 -9.59 3.87 17.93
CA GLU A 150 -8.33 3.15 17.96
C GLU A 150 -7.16 4.08 18.24
N LEU A 151 -7.19 5.26 17.64
CA LEU A 151 -6.12 6.25 17.84
C LEU A 151 -6.13 6.77 19.28
N GLN A 152 -7.30 7.03 19.83
CA GLN A 152 -7.40 7.51 21.20
C GLN A 152 -6.89 6.46 22.18
N ARG A 153 -7.07 5.20 21.83
CA ARG A 153 -6.63 4.10 22.67
C ARG A 153 -5.11 4.15 22.84
N LEU A 154 -4.41 4.57 21.80
CA LEU A 154 -2.95 4.66 21.82
C LEU A 154 -2.48 6.10 22.00
N GLY A 155 -3.42 7.00 22.26
CA GLY A 155 -3.10 8.40 22.49
C GLY A 155 -2.49 9.08 21.28
N ALA A 156 -2.82 8.59 20.09
CA ALA A 156 -2.30 9.15 18.84
C ALA A 156 -3.21 10.25 18.30
N HIS A 157 -2.60 11.21 17.61
CA HIS A 157 -3.33 12.33 17.01
C HIS A 157 -2.92 12.50 15.55
N LEU A 158 -3.85 13.00 14.74
CA LEU A 158 -3.54 13.39 13.37
C LEU A 158 -3.19 14.87 13.36
N PRO A 159 -2.57 15.35 12.25
CA PRO A 159 -2.27 16.78 12.15
C PRO A 159 -3.52 17.63 12.36
N GLN A 160 -3.36 18.75 13.07
CA GLN A 160 -4.48 19.59 13.46
C GLN A 160 -5.34 20.05 12.29
N ASP A 161 -4.67 20.45 11.20
CA ASP A 161 -5.37 21.01 10.05
C ASP A 161 -6.08 19.94 9.21
N THR A 162 -6.04 18.69 9.67
CA THR A 162 -6.68 17.60 8.93
C THR A 162 -8.19 17.74 8.95
N VAL A 163 -8.81 17.52 7.79
CA VAL A 163 -10.27 17.52 7.66
C VAL A 163 -10.71 16.18 7.11
N CYS A 164 -12.01 15.97 6.98
CA CYS A 164 -12.52 14.72 6.44
C CYS A 164 -13.81 14.87 5.65
N LEU A 165 -13.99 13.94 4.69
CA LEU A 165 -15.10 13.97 3.76
C LEU A 165 -15.78 12.61 3.70
N ASP A 166 -17.09 12.59 3.89
CA ASP A 166 -17.89 11.39 3.70
C ASP A 166 -18.55 11.48 2.34
N THR A 167 -18.15 10.60 1.43
CA THR A 167 -18.65 10.66 0.06
C THR A 167 -20.13 10.24 -0.05
N LEU A 168 -20.66 9.60 1.00
CA LEU A 168 -22.04 9.12 0.95
C LEU A 168 -23.03 10.28 0.99
N PRO A 169 -22.97 11.12 2.05
CA PRO A 169 -23.89 12.27 2.03
C PRO A 169 -23.49 13.29 0.97
N ALA A 170 -22.22 13.29 0.57
CA ALA A 170 -21.74 14.23 -0.43
C ALA A 170 -22.39 13.95 -1.78
N LEU A 171 -22.37 12.69 -2.21
CA LEU A 171 -22.94 12.32 -3.50
C LEU A 171 -24.47 12.40 -3.47
N ARG A 172 -25.08 12.12 -2.32
CA ARG A 172 -26.52 12.30 -2.17
C ARG A 172 -26.87 13.77 -2.32
N GLY A 173 -26.12 14.62 -1.63
CA GLY A 173 -26.34 16.05 -1.71
C GLY A 173 -26.15 16.61 -3.10
N LEU A 174 -25.14 16.10 -3.81
CA LEU A 174 -24.84 16.58 -5.16
C LEU A 174 -25.96 16.21 -6.13
N ASP A 175 -26.51 15.01 -5.99
CA ASP A 175 -27.61 14.56 -6.84
C ASP A 175 -28.89 15.32 -6.49
N ARG A 176 -29.02 15.66 -5.21
CA ARG A 176 -30.14 16.47 -4.74
C ARG A 176 -30.03 17.87 -5.32
N ALA A 177 -28.82 18.40 -5.32
CA ALA A 177 -28.54 19.71 -5.89
C ALA A 177 -28.84 19.72 -7.38
N HIS A 178 -28.00 19.03 -8.14
CA HIS A 178 -28.18 18.91 -9.59
C HIS A 178 -29.30 17.93 -9.89
N SER A 179 -30.50 18.22 -9.37
CA SER A 179 -31.64 17.33 -9.53
C SER A 179 -32.05 17.21 -11.00
N ARG A 187 -36.05 4.06 -3.85
CA ARG A 187 -35.05 5.10 -4.13
C ARG A 187 -33.68 4.48 -4.41
N LYS A 188 -32.80 5.29 -5.00
CA LYS A 188 -31.45 4.84 -5.35
C LYS A 188 -30.62 4.54 -4.11
N SER A 189 -29.78 3.52 -4.20
CA SER A 189 -28.84 3.19 -3.13
C SER A 189 -27.54 3.95 -3.33
N TYR A 190 -26.94 4.39 -2.24
CA TYR A 190 -25.67 5.10 -2.29
C TYR A 190 -24.58 4.29 -1.57
N SER A 191 -24.73 2.98 -1.57
CA SER A 191 -23.67 2.09 -1.12
C SER A 191 -22.51 2.17 -2.09
N LEU A 192 -21.33 1.77 -1.65
CA LEU A 192 -20.14 1.78 -2.50
C LEU A 192 -20.37 0.96 -3.75
N ALA A 193 -20.92 -0.24 -3.59
CA ALA A 193 -21.15 -1.14 -4.71
C ALA A 193 -22.13 -0.54 -5.72
N SER A 194 -23.24 0.00 -5.21
CA SER A 194 -24.26 0.58 -6.07
C SER A 194 -23.71 1.75 -6.89
N LEU A 195 -22.91 2.59 -6.24
CA LEU A 195 -22.34 3.77 -6.89
C LEU A 195 -21.34 3.38 -7.98
N PHE A 196 -20.48 2.42 -7.69
CA PHE A 196 -19.53 1.95 -8.69
C PHE A 196 -20.28 1.35 -9.87
N HIS A 197 -21.31 0.56 -9.58
CA HIS A 197 -22.14 -0.03 -10.62
C HIS A 197 -22.83 1.05 -11.44
N ARG A 198 -23.30 2.09 -10.77
CA ARG A 198 -24.02 3.15 -11.44
C ARG A 198 -23.09 4.00 -12.32
N TYR A 199 -21.86 4.21 -11.86
CA TYR A 199 -20.93 5.09 -12.57
C TYR A 199 -20.05 4.35 -13.59
N PHE A 200 -19.70 3.10 -13.31
CA PHE A 200 -18.80 2.36 -14.18
C PHE A 200 -19.44 1.12 -14.81
N GLN A 201 -20.64 0.77 -14.35
CA GLN A 201 -21.41 -0.33 -14.94
C GLN A 201 -20.60 -1.62 -15.03
N ALA A 202 -19.96 -1.98 -13.93
CA ALA A 202 -19.24 -3.23 -13.83
C ALA A 202 -19.10 -3.62 -12.36
N GLU A 203 -18.76 -4.88 -12.11
CA GLU A 203 -18.58 -5.36 -10.75
C GLU A 203 -17.24 -4.90 -10.19
N PRO A 204 -17.23 -4.35 -8.97
CA PRO A 204 -15.94 -3.99 -8.38
C PRO A 204 -15.14 -5.21 -7.98
N SER A 205 -13.84 -5.20 -8.24
CA SER A 205 -12.96 -6.31 -7.90
C SER A 205 -12.47 -6.18 -6.45
N ALA A 206 -12.26 -7.32 -5.81
CA ALA A 206 -11.73 -7.36 -4.44
C ALA A 206 -12.62 -6.58 -3.47
N ALA A 207 -13.93 -6.72 -3.63
CA ALA A 207 -14.89 -6.02 -2.76
C ALA A 207 -14.72 -6.45 -1.30
N HIS A 208 -14.97 -5.51 -0.40
CA HIS A 208 -14.93 -5.76 1.05
C HIS A 208 -13.54 -6.11 1.57
N SER A 209 -12.52 -5.86 0.76
CA SER A 209 -11.14 -5.81 1.24
C SER A 209 -10.76 -4.34 1.32
N ALA A 210 -9.96 -3.99 2.31
CA ALA A 210 -9.61 -2.59 2.54
C ALA A 210 -9.08 -1.93 1.28
N GLU A 211 -8.03 -2.50 0.71
CA GLU A 211 -7.41 -1.93 -0.48
C GLU A 211 -8.36 -1.94 -1.67
N GLY A 212 -9.17 -2.99 -1.78
CA GLY A 212 -10.13 -3.10 -2.86
C GLY A 212 -11.19 -2.02 -2.78
N ASP A 213 -11.66 -1.74 -1.57
CA ASP A 213 -12.73 -0.75 -1.38
C ASP A 213 -12.22 0.68 -1.57
N VAL A 214 -10.96 0.94 -1.23
CA VAL A 214 -10.37 2.26 -1.46
C VAL A 214 -10.19 2.48 -2.96
N HIS A 215 -9.77 1.44 -3.66
CA HIS A 215 -9.63 1.47 -5.11
C HIS A 215 -10.95 1.83 -5.76
N THR A 216 -12.01 1.20 -5.28
CA THR A 216 -13.37 1.46 -5.77
C THR A 216 -13.78 2.90 -5.45
N LEU A 217 -13.50 3.33 -4.23
CA LEU A 217 -13.84 4.68 -3.78
C LEU A 217 -13.14 5.75 -4.63
N LEU A 218 -11.86 5.54 -4.90
CA LEU A 218 -11.08 6.53 -5.64
C LEU A 218 -11.62 6.72 -7.05
N LEU A 219 -12.03 5.62 -7.68
CA LEU A 219 -12.60 5.70 -9.02
C LEU A 219 -13.93 6.45 -9.00
N ILE A 220 -14.74 6.18 -7.99
CA ILE A 220 -16.02 6.88 -7.81
C ILE A 220 -15.78 8.37 -7.65
N PHE A 221 -14.81 8.71 -6.81
CA PHE A 221 -14.46 10.11 -6.58
C PHE A 221 -14.00 10.78 -7.87
N LEU A 222 -13.13 10.09 -8.61
CA LEU A 222 -12.61 10.63 -9.86
C LEU A 222 -13.72 10.87 -10.87
N HIS A 223 -14.76 10.05 -10.82
CA HIS A 223 -15.89 10.19 -11.74
C HIS A 223 -16.58 11.53 -11.56
N ARG A 224 -16.46 12.11 -10.37
CA ARG A 224 -17.13 13.37 -10.06
C ARG A 224 -16.21 14.27 -9.22
N ALA A 225 -14.94 14.30 -9.59
CA ALA A 225 -13.91 14.97 -8.80
C ALA A 225 -14.16 16.48 -8.65
N PRO A 226 -14.49 17.18 -9.74
CA PRO A 226 -14.76 18.62 -9.61
C PRO A 226 -15.79 18.93 -8.52
N GLU A 227 -16.93 18.25 -8.56
CA GLU A 227 -17.99 18.46 -7.58
C GLU A 227 -17.54 18.14 -6.17
N LEU A 228 -16.90 16.99 -6.00
CA LEU A 228 -16.49 16.53 -4.68
C LEU A 228 -15.37 17.39 -4.11
N LEU A 229 -14.48 17.89 -4.96
CA LEU A 229 -13.46 18.82 -4.52
C LEU A 229 -14.14 20.09 -4.00
N ALA A 230 -15.09 20.59 -4.76
CA ALA A 230 -15.86 21.78 -4.36
C ALA A 230 -16.59 21.53 -3.05
N TRP A 231 -17.16 20.33 -2.92
CA TRP A 231 -17.86 19.95 -1.70
C TRP A 231 -16.89 19.95 -0.53
N ALA A 232 -15.69 19.42 -0.76
CA ALA A 232 -14.68 19.34 0.29
C ALA A 232 -14.23 20.72 0.75
N ASP A 233 -13.99 21.62 -0.19
CA ASP A 233 -13.55 22.97 0.14
C ASP A 233 -14.60 23.72 0.96
N GLU A 234 -15.86 23.28 0.87
CA GLU A 234 -16.96 24.00 1.49
C GLU A 234 -17.46 23.35 2.78
N GLN A 235 -17.44 22.01 2.83
CA GLN A 235 -18.14 21.28 3.89
C GLN A 235 -17.30 20.20 4.59
N ALA A 236 -16.01 20.12 4.27
CA ALA A 236 -15.16 19.13 4.91
C ALA A 236 -15.06 19.43 6.40
N ARG A 237 -15.35 18.42 7.22
CA ARG A 237 -15.35 18.56 8.67
C ARG A 237 -13.95 18.44 9.25
N SER A 238 -13.69 19.24 10.29
CA SER A 238 -12.43 19.13 11.04
C SER A 238 -12.36 17.78 11.73
N TRP A 239 -11.21 17.11 11.63
CA TRP A 239 -11.02 15.82 12.28
C TRP A 239 -11.20 15.92 13.79
N ALA A 240 -10.89 17.10 14.33
CA ALA A 240 -11.01 17.33 15.76
C ALA A 240 -12.46 17.23 16.23
N HIS A 241 -13.39 17.35 15.31
CA HIS A 241 -14.82 17.29 15.64
C HIS A 241 -15.35 15.86 15.59
N ILE A 242 -14.54 14.94 15.06
CA ILE A 242 -14.92 13.54 15.02
C ILE A 242 -14.86 12.93 16.43
N GLU A 243 -15.95 12.29 16.83
CA GLU A 243 -16.03 11.64 18.14
C GLU A 243 -15.74 10.15 18.01
N PRO A 244 -15.21 9.54 19.07
CA PRO A 244 -14.94 8.10 19.01
C PRO A 244 -16.23 7.28 18.93
N MET A 245 -16.21 6.21 18.15
CA MET A 245 -17.35 5.31 18.04
C MET A 245 -17.76 4.79 19.42
N TYR A 246 -16.75 4.46 20.22
CA TYR A 246 -16.98 4.03 21.59
C TYR A 246 -15.74 4.32 22.44
N VAL A 247 -15.93 4.40 23.75
CA VAL A 247 -14.82 4.61 24.67
C VAL A 247 -14.07 3.29 24.85
N PRO A 248 -12.79 3.23 24.41
CA PRO A 248 -12.07 1.97 24.50
C PRO A 248 -11.86 1.51 25.95
N PRO A 249 -11.81 0.20 26.20
CA PRO A 249 -11.65 -0.32 27.57
C PRO A 249 -10.44 0.24 28.32
N ASP A 250 -9.23 -0.06 27.86
CA ASP A 250 -8.03 0.34 28.60
C ASP A 250 -6.73 0.20 27.80
N GLY A 251 -5.70 0.89 28.27
CA GLY A 251 -4.34 0.71 27.78
C GLY A 251 -4.09 1.14 26.35
N PRO A 252 -2.81 1.17 25.94
CA PRO A 252 -1.64 0.92 26.79
C PRO A 252 -1.16 2.17 27.51
N GLU B 23 22.14 -22.11 7.05
CA GLU B 23 23.05 -21.15 7.67
C GLU B 23 22.32 -19.84 8.02
N PRO B 24 21.60 -19.24 7.05
CA PRO B 24 20.84 -18.04 7.40
C PRO B 24 19.64 -18.35 8.30
N PRO B 25 19.11 -17.33 8.98
CA PRO B 25 17.92 -17.52 9.83
C PRO B 25 16.66 -17.80 9.01
N ARG B 26 15.82 -18.72 9.50
CA ARG B 26 14.57 -19.05 8.83
C ARG B 26 13.61 -17.86 8.89
N ALA B 27 13.43 -17.18 7.78
CA ALA B 27 12.58 -16.00 7.73
C ALA B 27 11.10 -16.36 7.84
N GLU B 28 10.35 -15.55 8.58
CA GLU B 28 8.92 -15.76 8.77
C GLU B 28 8.09 -14.91 7.80
N THR B 29 8.61 -13.74 7.45
CA THR B 29 7.94 -12.86 6.49
C THR B 29 8.87 -12.50 5.35
N PHE B 30 8.36 -12.63 4.13
CA PHE B 30 9.09 -12.26 2.93
C PHE B 30 8.56 -10.95 2.38
N VAL B 31 9.40 -9.92 2.42
CA VAL B 31 9.02 -8.60 1.94
C VAL B 31 9.56 -8.41 0.53
N PHE B 32 8.71 -8.66 -0.46
CA PHE B 32 9.05 -8.41 -1.85
C PHE B 32 9.10 -6.91 -2.05
N LEU B 33 10.17 -6.42 -2.66
CA LEU B 33 10.29 -4.99 -2.91
C LEU B 33 10.85 -4.68 -4.28
N ASP B 34 10.55 -3.47 -4.74
CA ASP B 34 11.03 -2.99 -6.03
C ASP B 34 11.26 -1.49 -5.95
N LEU B 35 12.24 -1.00 -6.71
CA LEU B 35 12.59 0.41 -6.72
C LEU B 35 12.57 0.99 -8.12
N GLU B 36 12.04 2.20 -8.25
CA GLU B 36 12.23 3.00 -9.44
C GLU B 36 13.14 4.17 -9.08
N ALA B 37 14.20 4.34 -9.85
CA ALA B 37 15.19 5.37 -9.56
C ALA B 37 15.53 6.17 -10.81
N THR B 38 16.48 7.09 -10.68
CA THR B 38 16.74 8.06 -11.73
C THR B 38 17.75 7.57 -12.77
N GLY B 39 18.25 6.36 -12.61
CA GLY B 39 19.19 5.80 -13.58
C GLY B 39 19.90 4.55 -13.10
N LEU B 40 20.93 4.16 -13.85
CA LEU B 40 21.72 2.98 -13.52
C LEU B 40 22.67 3.28 -12.34
N PRO B 41 23.16 2.23 -11.67
CA PRO B 41 23.99 2.35 -10.47
C PRO B 41 25.12 3.39 -10.54
N ASN B 42 25.92 3.38 -11.59
CA ASN B 42 27.08 4.28 -11.69
C ASN B 42 26.68 5.68 -12.17
N MET B 43 25.38 5.98 -12.14
CA MET B 43 24.89 7.33 -12.42
C MET B 43 24.50 8.03 -11.12
N ASP B 44 24.83 7.41 -9.99
CA ASP B 44 24.42 7.89 -8.68
C ASP B 44 22.92 8.16 -8.63
N PRO B 45 22.12 7.11 -8.86
CA PRO B 45 20.66 7.25 -8.95
C PRO B 45 19.99 7.44 -7.59
N GLU B 46 18.92 8.24 -7.58
CA GLU B 46 18.12 8.46 -6.38
C GLU B 46 16.81 7.70 -6.50
N ILE B 47 16.33 7.15 -5.38
CA ILE B 47 15.05 6.45 -5.38
C ILE B 47 13.91 7.44 -5.59
N ALA B 48 13.07 7.15 -6.58
CA ALA B 48 11.89 7.97 -6.87
C ALA B 48 10.63 7.27 -6.40
N GLU B 49 10.68 5.94 -6.37
CA GLU B 49 9.54 5.15 -5.94
C GLU B 49 10.00 3.84 -5.31
N ILE B 50 9.34 3.46 -4.22
CA ILE B 50 9.58 2.17 -3.59
C ILE B 50 8.24 1.51 -3.27
N SER B 51 8.15 0.21 -3.52
CA SER B 51 6.97 -0.55 -3.17
C SER B 51 7.38 -1.83 -2.45
N LEU B 52 6.60 -2.21 -1.44
CA LEU B 52 6.88 -3.41 -0.68
C LEU B 52 5.60 -4.21 -0.43
N PHE B 53 5.64 -5.50 -0.79
CA PHE B 53 4.58 -6.44 -0.46
C PHE B 53 5.11 -7.42 0.59
N ALA B 54 4.54 -7.37 1.80
CA ALA B 54 4.94 -8.31 2.85
C ALA B 54 4.02 -9.52 2.88
N VAL B 55 4.61 -10.71 2.78
CA VAL B 55 3.87 -11.96 2.75
C VAL B 55 4.44 -12.95 3.75
N HIS B 56 3.58 -13.44 4.65
CA HIS B 56 4.03 -14.41 5.64
C HIS B 56 4.40 -15.72 4.94
N ARG B 57 5.34 -16.45 5.55
CA ARG B 57 5.87 -17.66 4.97
C ARG B 57 4.78 -18.68 4.63
N SER B 58 3.79 -18.80 5.52
CA SER B 58 2.75 -19.81 5.37
C SER B 58 1.91 -19.60 4.11
N SER B 59 1.82 -18.36 3.65
CA SER B 59 1.07 -18.05 2.43
C SER B 59 1.86 -18.47 1.19
N LEU B 60 3.18 -18.50 1.33
CA LEU B 60 4.06 -18.91 0.23
C LEU B 60 4.19 -20.43 0.18
N GLU B 61 4.12 -21.08 1.34
CA GLU B 61 4.25 -22.53 1.42
C GLU B 61 3.02 -23.24 0.88
N ASN B 62 1.86 -22.59 1.01
CA ASN B 62 0.59 -23.16 0.52
C ASN B 62 -0.22 -22.11 -0.23
N PRO B 63 0.18 -21.83 -1.49
CA PRO B 63 -0.49 -20.81 -2.31
C PRO B 63 -1.94 -21.14 -2.60
N GLU B 64 -2.78 -20.10 -2.70
CA GLU B 64 -4.19 -20.28 -3.03
C GLU B 64 -4.39 -20.23 -4.54
N ARG B 65 -5.27 -21.11 -5.03
CA ARG B 65 -5.60 -21.17 -6.45
C ARG B 65 -7.10 -21.30 -6.64
N ASP B 66 -7.70 -20.37 -7.39
CA ASP B 66 -9.14 -20.41 -7.64
C ASP B 66 -9.51 -21.57 -8.57
N ASP B 67 -9.16 -21.47 -9.85
CA ASP B 67 -9.46 -22.51 -10.82
C ASP B 67 -8.40 -22.54 -11.91
N SER B 70 -5.71 -21.20 -10.95
CA SER B 70 -4.75 -20.11 -11.20
C SER B 70 -4.41 -19.38 -9.91
N LEU B 71 -3.15 -18.95 -9.80
CA LEU B 71 -2.66 -18.30 -8.59
C LEU B 71 -3.41 -17.01 -8.27
N VAL B 72 -3.85 -16.90 -7.01
CA VAL B 72 -4.40 -15.68 -6.47
C VAL B 72 -3.53 -15.22 -5.30
N LEU B 73 -3.34 -13.91 -5.17
CA LEU B 73 -2.48 -13.38 -4.13
C LEU B 73 -3.06 -13.68 -2.74
N PRO B 74 -2.18 -13.83 -1.73
CA PRO B 74 -2.65 -14.07 -0.37
C PRO B 74 -3.62 -12.99 0.09
N ARG B 75 -4.59 -13.36 0.94
CA ARG B 75 -5.54 -12.40 1.46
C ARG B 75 -4.83 -11.42 2.39
N VAL B 76 -4.09 -11.95 3.35
CA VAL B 76 -3.35 -11.11 4.29
C VAL B 76 -2.05 -10.64 3.66
N LEU B 77 -2.06 -9.40 3.18
CA LEU B 77 -0.92 -8.85 2.44
C LEU B 77 -0.70 -7.39 2.81
N ASP B 78 0.23 -7.14 3.73
CA ASP B 78 0.61 -5.78 4.06
C ASP B 78 1.33 -5.17 2.85
N LYS B 79 1.04 -3.89 2.58
CA LYS B 79 1.57 -3.24 1.39
C LYS B 79 1.93 -1.79 1.67
N LEU B 80 3.03 -1.34 1.06
CA LEU B 80 3.49 0.04 1.20
C LEU B 80 4.08 0.52 -0.10
N THR B 81 3.60 1.68 -0.57
CA THR B 81 4.14 2.32 -1.76
C THR B 81 4.33 3.81 -1.51
N LEU B 82 5.53 4.30 -1.78
CA LEU B 82 5.87 5.69 -1.54
C LEU B 82 6.61 6.26 -2.74
N CYS B 83 6.14 7.40 -3.22
CA CYS B 83 6.84 8.14 -4.26
C CYS B 83 7.62 9.29 -3.63
N MET B 84 8.76 9.60 -4.22
CA MET B 84 9.65 10.62 -3.68
C MET B 84 10.27 11.40 -4.82
N CYS B 85 10.45 12.71 -4.64
CA CYS B 85 11.16 13.52 -5.62
C CYS B 85 12.67 13.40 -5.41
N PRO B 86 13.39 12.85 -6.40
CA PRO B 86 14.85 12.78 -6.24
C PRO B 86 15.50 14.15 -6.37
N GLU B 87 16.62 14.35 -5.67
CA GLU B 87 17.33 15.62 -5.73
C GLU B 87 17.97 15.78 -7.11
N ARG B 88 18.35 14.64 -7.70
CA ARG B 88 18.89 14.61 -9.05
C ARG B 88 17.78 14.20 -10.03
N PRO B 89 17.55 14.98 -11.10
CA PRO B 89 16.50 14.61 -12.06
C PRO B 89 16.74 13.25 -12.72
N PHE B 90 15.71 12.74 -13.39
CA PHE B 90 15.78 11.44 -14.06
C PHE B 90 16.62 11.50 -15.33
N THR B 91 16.86 10.32 -15.92
CA THR B 91 17.36 10.22 -17.28
C THR B 91 16.16 9.96 -18.20
N ALA B 92 16.31 10.27 -19.48
CA ALA B 92 15.23 10.07 -20.44
C ALA B 92 14.79 8.61 -20.45
N LYS B 93 15.77 7.72 -20.50
CA LYS B 93 15.53 6.28 -20.44
C LYS B 93 14.72 5.90 -19.19
N ALA B 94 15.16 6.36 -18.03
CA ALA B 94 14.49 6.01 -16.77
C ALA B 94 13.11 6.64 -16.67
N SER B 95 12.98 7.88 -17.15
CA SER B 95 11.71 8.60 -17.04
C SER B 95 10.62 7.96 -17.89
N GLU B 96 10.92 7.71 -19.16
CA GLU B 96 9.96 7.10 -20.07
C GLU B 96 9.58 5.70 -19.60
N ILE B 97 10.57 4.99 -19.07
CA ILE B 97 10.37 3.64 -18.55
C ILE B 97 9.38 3.64 -17.38
N THR B 98 9.68 4.45 -16.37
CA THR B 98 8.89 4.46 -15.13
C THR B 98 7.61 5.28 -15.24
N GLY B 99 7.60 6.23 -16.16
CA GLY B 99 6.48 7.15 -16.29
C GLY B 99 6.51 8.18 -15.18
N LEU B 100 7.72 8.50 -14.72
CA LEU B 100 7.92 9.46 -13.65
C LEU B 100 8.98 10.49 -14.04
N SER B 101 8.91 11.66 -13.42
CA SER B 101 9.91 12.70 -13.61
C SER B 101 10.02 13.52 -12.34
N SER B 102 11.12 14.25 -12.18
CA SER B 102 11.31 15.10 -11.01
C SER B 102 10.20 16.15 -10.94
N GLU B 103 9.77 16.64 -12.09
CA GLU B 103 8.72 17.65 -12.17
C GLU B 103 7.37 17.06 -11.80
N SER B 104 7.11 15.83 -12.24
CA SER B 104 5.85 15.16 -11.97
C SER B 104 5.64 14.91 -10.48
N LEU B 105 6.69 14.47 -9.81
CA LEU B 105 6.62 14.13 -8.39
C LEU B 105 6.53 15.39 -7.52
N MET B 106 7.25 16.43 -7.93
CA MET B 106 7.15 17.73 -7.26
C MET B 106 5.73 18.27 -7.34
N HIS B 107 5.13 18.12 -8.52
CA HIS B 107 3.78 18.61 -8.78
C HIS B 107 2.79 17.95 -7.82
N CYS B 108 3.10 16.73 -7.39
CA CYS B 108 2.27 15.98 -6.45
C CYS B 108 2.78 16.11 -5.02
N GLY B 109 3.64 17.10 -4.79
CA GLY B 109 4.08 17.46 -3.44
C GLY B 109 4.84 16.39 -2.69
N LYS B 110 5.67 15.62 -3.39
CA LYS B 110 6.49 14.59 -2.77
C LYS B 110 7.89 15.10 -2.48
N ALA B 111 8.31 14.99 -1.22
CA ALA B 111 9.67 15.33 -0.83
C ALA B 111 10.59 14.16 -1.15
N GLY B 112 11.88 14.36 -0.93
CA GLY B 112 12.87 13.33 -1.22
C GLY B 112 12.91 12.23 -0.18
N PHE B 113 13.88 11.32 -0.33
CA PHE B 113 14.07 10.24 0.63
C PHE B 113 14.57 10.83 1.94
N ASN B 114 13.65 11.02 2.90
CA ASN B 114 13.96 11.68 4.16
C ASN B 114 13.58 10.83 5.36
N GLY B 115 13.63 11.44 6.55
CA GLY B 115 13.29 10.76 7.78
C GLY B 115 11.88 10.20 7.79
N ALA B 116 10.97 10.88 7.10
CA ALA B 116 9.59 10.44 7.03
C ALA B 116 9.48 9.11 6.29
N VAL B 117 10.30 8.95 5.25
CA VAL B 117 10.35 7.69 4.52
C VAL B 117 10.89 6.59 5.45
N VAL B 118 11.96 6.90 6.16
CA VAL B 118 12.60 5.94 7.05
C VAL B 118 11.63 5.50 8.15
N ARG B 119 10.95 6.47 8.75
CA ARG B 119 10.02 6.18 9.83
C ARG B 119 8.85 5.31 9.35
N THR B 120 8.41 5.54 8.13
CA THR B 120 7.31 4.77 7.57
C THR B 120 7.76 3.36 7.23
N LEU B 121 8.96 3.25 6.64
CA LEU B 121 9.51 1.96 6.25
C LEU B 121 9.83 1.10 7.46
N GLN B 122 10.45 1.72 8.47
CA GLN B 122 10.79 1.00 9.70
C GLN B 122 9.53 0.54 10.42
N GLY B 123 8.50 1.38 10.42
CA GLY B 123 7.23 1.02 11.02
C GLY B 123 6.60 -0.14 10.26
N PHE B 124 6.68 -0.09 8.94
CA PHE B 124 6.09 -1.11 8.09
C PHE B 124 6.76 -2.46 8.32
N LEU B 125 8.09 -2.44 8.48
CA LEU B 125 8.85 -3.68 8.67
C LEU B 125 8.66 -4.23 10.08
N SER B 126 8.42 -3.37 11.06
CA SER B 126 8.19 -3.81 12.43
C SER B 126 6.81 -4.46 12.55
N ARG B 127 5.94 -4.19 11.60
CA ARG B 127 4.62 -4.84 11.57
C ARG B 127 4.73 -6.28 11.08
N GLN B 128 5.90 -6.64 10.57
CA GLN B 128 6.13 -7.99 10.05
C GLN B 128 6.80 -8.88 11.09
N GLU B 129 6.32 -10.12 11.20
CA GLU B 129 6.95 -11.08 12.08
C GLU B 129 8.32 -11.45 11.51
N GLY B 130 9.36 -11.31 12.32
CA GLY B 130 10.71 -11.58 11.88
C GLY B 130 11.08 -13.04 12.09
N PRO B 131 12.23 -13.46 11.54
CA PRO B 131 13.15 -12.65 10.73
C PRO B 131 12.57 -12.32 9.36
N ILE B 132 12.99 -11.18 8.80
CA ILE B 132 12.51 -10.75 7.50
C ILE B 132 13.50 -11.12 6.40
N CYS B 133 12.97 -11.50 5.24
CA CYS B 133 13.77 -11.72 4.05
C CYS B 133 13.30 -10.80 2.93
N LEU B 134 14.13 -9.81 2.60
CA LEU B 134 13.83 -8.91 1.49
C LEU B 134 14.02 -9.66 0.17
N VAL B 135 13.08 -9.49 -0.74
CA VAL B 135 13.13 -10.16 -2.04
C VAL B 135 13.04 -9.14 -3.16
N ALA B 136 13.99 -9.17 -4.09
CA ALA B 136 14.00 -8.26 -5.22
C ALA B 136 14.67 -8.91 -6.43
N HIS B 137 14.13 -8.63 -7.62
CA HIS B 137 14.72 -9.12 -8.85
C HIS B 137 15.96 -8.30 -9.20
N ASN B 138 17.10 -8.97 -9.24
CA ASN B 138 18.39 -8.31 -9.45
C ASN B 138 18.71 -7.36 -8.30
N GLY B 139 18.29 -7.76 -7.10
CA GLY B 139 18.51 -6.95 -5.90
C GLY B 139 19.97 -6.78 -5.51
N PHE B 140 20.79 -7.81 -5.71
CA PHE B 140 22.18 -7.74 -5.30
C PHE B 140 22.95 -6.65 -6.05
N ASP B 141 22.53 -6.37 -7.29
CA ASP B 141 23.22 -5.41 -8.14
C ASP B 141 22.58 -4.02 -8.13
N TYR B 142 21.35 -3.91 -7.66
CA TYR B 142 20.60 -2.66 -7.77
C TYR B 142 19.82 -2.28 -6.50
N ASP B 143 18.71 -2.97 -6.27
CA ASP B 143 17.76 -2.56 -5.23
C ASP B 143 18.36 -2.49 -3.83
N PHE B 144 19.07 -3.55 -3.45
CA PHE B 144 19.64 -3.64 -2.10
C PHE B 144 20.74 -2.61 -1.85
N PRO B 145 21.75 -2.52 -2.73
CA PRO B 145 22.79 -1.52 -2.49
C PRO B 145 22.30 -0.09 -2.58
N LEU B 146 21.28 0.15 -3.42
CA LEU B 146 20.73 1.49 -3.55
C LEU B 146 19.93 1.87 -2.30
N LEU B 147 19.12 0.93 -1.82
CA LEU B 147 18.35 1.15 -0.61
C LEU B 147 19.28 1.35 0.57
N CYS B 148 20.37 0.59 0.59
CA CYS B 148 21.37 0.69 1.65
C CYS B 148 22.03 2.06 1.65
N THR B 149 22.36 2.54 0.46
CA THR B 149 22.95 3.87 0.31
C THR B 149 22.01 4.93 0.88
N GLU B 150 20.74 4.82 0.56
CA GLU B 150 19.74 5.79 1.01
C GLU B 150 19.53 5.70 2.52
N LEU B 151 19.45 4.48 3.04
CA LEU B 151 19.28 4.27 4.48
C LEU B 151 20.51 4.70 5.26
N GLN B 152 21.68 4.38 4.74
CA GLN B 152 22.94 4.72 5.41
C GLN B 152 23.14 6.23 5.40
N ARG B 153 22.67 6.88 4.34
CA ARG B 153 22.77 8.33 4.22
C ARG B 153 22.05 9.04 5.35
N LEU B 154 20.96 8.42 5.83
CA LEU B 154 20.21 8.96 6.95
C LEU B 154 20.55 8.24 8.26
N GLY B 155 21.59 7.42 8.23
CA GLY B 155 22.05 6.70 9.41
C GLY B 155 21.01 5.73 9.93
N ALA B 156 20.16 5.22 9.04
CA ALA B 156 19.10 4.31 9.41
C ALA B 156 19.54 2.85 9.25
N HIS B 157 19.01 1.98 10.09
CA HIS B 157 19.35 0.55 10.07
C HIS B 157 18.09 -0.31 10.01
N LEU B 158 18.24 -1.51 9.47
CA LEU B 158 17.17 -2.50 9.45
C LEU B 158 17.40 -3.49 10.58
N PRO B 159 16.35 -4.27 10.95
CA PRO B 159 16.51 -5.30 11.98
C PRO B 159 17.71 -6.20 11.74
N GLN B 160 18.42 -6.52 12.81
CA GLN B 160 19.72 -7.20 12.72
C GLN B 160 19.65 -8.55 12.02
N ASP B 161 18.53 -9.25 12.18
CA ASP B 161 18.39 -10.59 11.64
C ASP B 161 17.79 -10.58 10.22
N THR B 162 17.78 -9.41 9.60
CA THR B 162 17.24 -9.28 8.25
C THR B 162 18.19 -9.87 7.22
N VAL B 163 17.63 -10.67 6.31
CA VAL B 163 18.40 -11.24 5.21
C VAL B 163 17.75 -10.80 3.91
N CYS B 164 18.31 -11.21 2.78
CA CYS B 164 17.76 -10.84 1.50
C CYS B 164 17.99 -11.91 0.42
N LEU B 165 17.11 -11.89 -0.57
CA LEU B 165 17.10 -12.89 -1.63
C LEU B 165 16.97 -12.23 -3.00
N ASP B 166 17.90 -12.54 -3.90
CA ASP B 166 17.83 -12.07 -5.28
C ASP B 166 17.28 -13.20 -6.14
N THR B 167 16.09 -13.00 -6.69
CA THR B 167 15.44 -14.05 -7.47
C THR B 167 16.10 -14.25 -8.84
N LEU B 168 16.97 -13.33 -9.24
CA LEU B 168 17.61 -13.45 -10.55
C LEU B 168 18.63 -14.59 -10.57
N PRO B 169 19.68 -14.51 -9.73
CA PRO B 169 20.62 -15.64 -9.72
C PRO B 169 20.01 -16.90 -9.12
N ALA B 170 18.95 -16.74 -8.34
CA ALA B 170 18.28 -17.87 -7.71
C ALA B 170 17.53 -18.68 -8.75
N LEU B 171 16.84 -18.01 -9.66
CA LEU B 171 16.07 -18.69 -10.70
C LEU B 171 17.00 -19.28 -11.75
N ARG B 172 18.04 -18.56 -12.11
CA ARG B 172 19.03 -19.06 -13.05
C ARG B 172 19.68 -20.32 -12.48
N GLY B 173 20.05 -20.27 -11.21
CA GLY B 173 20.68 -21.39 -10.55
C GLY B 173 19.79 -22.60 -10.48
N LEU B 174 18.54 -22.39 -10.10
CA LEU B 174 17.58 -23.49 -10.00
C LEU B 174 17.38 -24.17 -11.34
N ASP B 175 17.52 -23.40 -12.42
CA ASP B 175 17.37 -23.94 -13.77
C ASP B 175 18.61 -24.70 -14.22
N ARG B 176 19.77 -24.33 -13.67
CA ARG B 176 21.01 -25.05 -13.98
C ARG B 176 20.91 -26.49 -13.51
N ALA B 177 20.28 -26.68 -12.35
CA ALA B 177 20.18 -28.00 -11.74
C ALA B 177 19.33 -28.96 -12.56
N HIS B 178 18.61 -28.43 -13.52
CA HIS B 178 17.69 -29.23 -14.34
C HIS B 178 18.17 -29.32 -15.78
N ARG B 187 20.87 -19.32 -22.11
CA ARG B 187 20.31 -18.71 -23.30
C ARG B 187 19.01 -17.96 -22.97
N LYS B 188 18.23 -18.52 -22.05
CA LYS B 188 16.96 -17.93 -21.68
C LYS B 188 17.13 -16.57 -21.02
N SER B 189 16.21 -15.66 -21.30
CA SER B 189 16.18 -14.37 -20.65
C SER B 189 15.57 -14.51 -19.27
N TYR B 190 16.15 -13.83 -18.28
CA TYR B 190 15.65 -13.88 -16.91
C TYR B 190 15.23 -12.50 -16.45
N SER B 191 14.77 -11.67 -17.40
CA SER B 191 14.15 -10.40 -17.07
C SER B 191 12.80 -10.68 -16.45
N LEU B 192 12.26 -9.71 -15.73
CA LEU B 192 10.98 -9.86 -15.05
C LEU B 192 9.87 -10.18 -16.04
N ALA B 193 9.93 -9.54 -17.21
CA ALA B 193 8.91 -9.74 -18.24
C ALA B 193 9.05 -11.11 -18.89
N SER B 194 10.27 -11.54 -19.15
CA SER B 194 10.52 -12.83 -19.78
C SER B 194 10.04 -13.98 -18.90
N LEU B 195 10.27 -13.86 -17.60
CA LEU B 195 9.87 -14.89 -16.64
C LEU B 195 8.35 -15.01 -16.56
N PHE B 196 7.68 -13.86 -16.47
CA PHE B 196 6.23 -13.84 -16.34
C PHE B 196 5.58 -14.41 -17.60
N HIS B 197 6.12 -14.04 -18.76
CA HIS B 197 5.62 -14.53 -20.03
C HIS B 197 5.86 -16.02 -20.18
N ARG B 198 6.85 -16.54 -19.47
CA ARG B 198 7.23 -17.94 -19.57
C ARG B 198 6.40 -18.82 -18.63
N TYR B 199 6.05 -18.28 -17.47
CA TYR B 199 5.33 -19.03 -16.46
C TYR B 199 3.81 -18.92 -16.57
N PHE B 200 3.32 -17.78 -17.03
CA PHE B 200 1.88 -17.50 -17.07
C PHE B 200 1.33 -17.28 -18.47
N GLN B 201 2.20 -17.28 -19.47
CA GLN B 201 1.81 -17.07 -20.87
C GLN B 201 0.96 -15.82 -21.03
N ALA B 202 1.47 -14.69 -20.56
CA ALA B 202 0.76 -13.43 -20.65
C ALA B 202 1.70 -12.26 -20.37
N GLU B 203 1.24 -11.05 -20.67
CA GLU B 203 2.03 -9.85 -20.43
C GLU B 203 1.75 -9.26 -19.05
N PRO B 204 2.79 -8.86 -18.32
CA PRO B 204 2.59 -8.29 -16.98
C PRO B 204 2.07 -6.86 -17.02
N SER B 205 1.47 -6.41 -15.93
CA SER B 205 0.97 -5.04 -15.83
C SER B 205 0.77 -4.64 -14.37
N ALA B 206 1.05 -3.40 -13.98
CA ALA B 206 1.61 -2.35 -14.85
C ALA B 206 3.13 -2.32 -14.73
N ALA B 207 3.82 -2.75 -15.77
CA ALA B 207 5.27 -2.88 -15.74
C ALA B 207 5.97 -1.55 -15.47
N HIS B 208 7.17 -1.63 -14.90
CA HIS B 208 8.06 -0.49 -14.69
C HIS B 208 7.54 0.52 -13.65
N SER B 209 6.41 0.20 -13.02
CA SER B 209 6.00 0.90 -11.81
C SER B 209 6.40 0.02 -10.64
N ALA B 210 6.82 0.64 -9.54
CA ALA B 210 7.33 -0.11 -8.39
C ALA B 210 6.31 -1.15 -7.93
N GLU B 211 5.08 -0.73 -7.70
CA GLU B 211 4.05 -1.63 -7.20
C GLU B 211 3.73 -2.72 -8.22
N GLY B 212 3.74 -2.36 -9.49
CA GLY B 212 3.44 -3.31 -10.55
C GLY B 212 4.48 -4.40 -10.64
N ASP B 213 5.75 -4.01 -10.49
CA ASP B 213 6.85 -4.94 -10.59
C ASP B 213 6.86 -5.92 -9.42
N VAL B 214 6.55 -5.44 -8.22
CA VAL B 214 6.46 -6.31 -7.05
C VAL B 214 5.34 -7.32 -7.25
N HIS B 215 4.21 -6.84 -7.77
CA HIS B 215 3.08 -7.70 -8.08
C HIS B 215 3.51 -8.82 -9.02
N THR B 216 4.27 -8.46 -10.05
CA THR B 216 4.77 -9.42 -11.02
C THR B 216 5.76 -10.38 -10.36
N LEU B 217 6.64 -9.83 -9.53
CA LEU B 217 7.66 -10.65 -8.87
C LEU B 217 7.04 -11.66 -7.92
N LEU B 218 5.98 -11.24 -7.23
CA LEU B 218 5.31 -12.11 -6.28
C LEU B 218 4.64 -13.30 -6.97
N LEU B 219 4.04 -13.05 -8.13
CA LEU B 219 3.41 -14.13 -8.89
C LEU B 219 4.47 -15.13 -9.38
N ILE B 220 5.58 -14.59 -9.89
CA ILE B 220 6.68 -15.44 -10.34
C ILE B 220 7.19 -16.29 -9.18
N PHE B 221 7.35 -15.66 -8.02
CA PHE B 221 7.83 -16.36 -6.84
C PHE B 221 6.87 -17.48 -6.44
N LEU B 222 5.58 -17.17 -6.43
CA LEU B 222 4.57 -18.15 -6.08
C LEU B 222 4.63 -19.38 -6.99
N HIS B 223 4.94 -19.14 -8.26
CA HIS B 223 5.00 -20.22 -9.24
C HIS B 223 6.15 -21.19 -8.95
N ARG B 224 7.15 -20.71 -8.21
CA ARG B 224 8.32 -21.51 -7.87
C ARG B 224 8.61 -21.42 -6.37
N ALA B 225 7.56 -21.30 -5.57
CA ALA B 225 7.69 -20.98 -4.15
C ALA B 225 8.53 -21.99 -3.36
N PRO B 226 8.25 -23.30 -3.51
CA PRO B 226 9.01 -24.26 -2.72
C PRO B 226 10.51 -24.22 -2.98
N GLU B 227 10.89 -24.14 -4.25
CA GLU B 227 12.30 -24.08 -4.62
C GLU B 227 12.95 -22.80 -4.12
N LEU B 228 12.22 -21.70 -4.19
CA LEU B 228 12.76 -20.40 -3.81
C LEU B 228 12.82 -20.23 -2.30
N LEU B 229 11.85 -20.77 -1.59
CA LEU B 229 11.90 -20.78 -0.13
C LEU B 229 13.08 -21.61 0.34
N ALA B 230 13.32 -22.73 -0.34
CA ALA B 230 14.47 -23.57 -0.04
C ALA B 230 15.76 -22.81 -0.31
N TRP B 231 15.78 -22.08 -1.42
CA TRP B 231 16.94 -21.28 -1.79
C TRP B 231 17.22 -20.26 -0.69
N ALA B 232 16.16 -19.64 -0.19
CA ALA B 232 16.28 -18.61 0.83
C ALA B 232 16.77 -19.20 2.15
N ASP B 233 16.32 -20.41 2.47
CA ASP B 233 16.71 -21.03 3.72
C ASP B 233 18.21 -21.34 3.78
N GLU B 234 18.87 -21.32 2.62
CA GLU B 234 20.30 -21.62 2.55
C GLU B 234 21.12 -20.45 2.04
N GLN B 235 20.70 -19.88 0.90
CA GLN B 235 21.51 -18.92 0.19
C GLN B 235 21.20 -17.46 0.53
N ALA B 236 20.17 -17.22 1.33
CA ALA B 236 19.80 -15.84 1.68
C ALA B 236 20.96 -15.13 2.36
N ARG B 237 21.26 -13.94 1.84
CA ARG B 237 22.40 -13.16 2.32
C ARG B 237 21.98 -12.22 3.43
N SER B 238 22.84 -12.06 4.44
CA SER B 238 22.58 -11.14 5.53
C SER B 238 22.56 -9.70 5.01
N TRP B 239 21.61 -8.91 5.49
CA TRP B 239 21.49 -7.53 5.03
C TRP B 239 22.73 -6.73 5.41
N ALA B 240 23.36 -7.10 6.51
CA ALA B 240 24.57 -6.43 6.97
C ALA B 240 25.70 -6.60 5.97
N HIS B 241 25.65 -7.68 5.18
CA HIS B 241 26.68 -7.96 4.19
C HIS B 241 26.47 -7.17 2.90
N ILE B 242 25.34 -6.48 2.80
CA ILE B 242 25.09 -5.60 1.66
C ILE B 242 25.87 -4.30 1.84
N GLU B 243 26.66 -3.95 0.82
CA GLU B 243 27.46 -2.73 0.88
C GLU B 243 26.77 -1.60 0.13
N PRO B 244 26.94 -0.35 0.60
CA PRO B 244 26.33 0.78 -0.11
C PRO B 244 26.87 0.96 -1.52
N MET B 245 26.03 1.50 -2.40
CA MET B 245 26.42 1.73 -3.79
C MET B 245 27.36 2.91 -3.89
#